data_2ZKN
#
_entry.id   2ZKN
#
_cell.length_a   36.925
_cell.length_b   87.431
_cell.length_c   95.698
_cell.angle_alpha   90.00
_cell.angle_beta   90.00
_cell.angle_gamma   90.00
#
_symmetry.space_group_name_H-M   'P 21 21 21'
#
loop_
_entity.id
_entity.type
_entity.pdbx_description
1 polymer Galectin-1
2 branched beta-D-galactopyranose-(1-4)-beta-D-glucopyranose
3 water water
#
_entity_poly.entity_id   1
_entity_poly.type   'polypeptide(L)'
_entity_poly.pdbx_seq_one_letter_code
;ASGLVASNLNLKPGESLRVRGEVAPDAKSFVLNLGKDSNNLSLHFNPRFNAHGDANTIVSNSKDGGAWGTEQREAVFPFQ
PGSVAEVSITFDQANLTVKLPDGYEFKFPNRLNLEAINYMAADGDFKIKSVAFD
;
_entity_poly.pdbx_strand_id   A,B
#
loop_
_chem_comp.id
_chem_comp.type
_chem_comp.name
_chem_comp.formula
BGC D-saccharide, beta linking beta-D-glucopyranose 'C6 H12 O6'
GAL D-saccharide, beta linking beta-D-galactopyranose 'C6 H12 O6'
#
# COMPACT_ATOMS: atom_id res chain seq x y z
N ALA A 1 2.37 -12.75 -0.91
CA ALA A 1 1.38 -13.15 0.14
C ALA A 1 -0.02 -13.31 -0.44
N SER A 2 -0.99 -13.59 0.42
CA SER A 2 -2.37 -13.77 0.00
C SER A 2 -3.11 -12.44 -0.15
N GLY A 3 -2.84 -11.50 0.74
CA GLY A 3 -3.48 -10.20 0.67
C GLY A 3 -2.57 -9.12 0.10
N LEU A 4 -2.87 -7.87 0.42
CA LEU A 4 -2.09 -6.73 -0.06
C LEU A 4 -0.61 -6.85 0.29
N VAL A 5 0.26 -6.57 -0.69
CA VAL A 5 1.70 -6.61 -0.47
C VAL A 5 2.31 -5.30 -0.93
N ALA A 6 3.08 -4.66 -0.06
CA ALA A 6 3.71 -3.40 -0.38
C ALA A 6 5.22 -3.52 -0.19
N SER A 7 5.97 -3.06 -1.18
CA SER A 7 7.43 -3.13 -1.11
C SER A 7 8.10 -1.80 -1.43
N ASN A 8 9.40 -1.75 -1.20
CA ASN A 8 10.18 -0.55 -1.45
C ASN A 8 9.63 0.58 -0.57
N LEU A 9 9.23 0.24 0.65
CA LEU A 9 8.66 1.20 1.59
C LEU A 9 9.68 2.17 2.19
N ASN A 10 10.88 1.65 2.45
CA ASN A 10 11.95 2.43 3.05
C ASN A 10 11.49 3.16 4.31
N LEU A 11 10.81 2.43 5.18
CA LEU A 11 10.32 2.97 6.45
C LEU A 11 11.52 3.06 7.38
N LYS A 12 11.93 4.28 7.71
CA LYS A 12 13.09 4.48 8.57
C LYS A 12 12.80 4.53 10.07
N PRO A 13 13.84 4.39 10.90
CA PRO A 13 13.64 4.41 12.35
C PRO A 13 12.85 5.66 12.74
N GLY A 14 11.89 5.49 13.65
CA GLY A 14 11.09 6.61 14.09
C GLY A 14 9.83 6.82 13.26
N GLU A 15 9.76 6.19 12.09
CA GLU A 15 8.60 6.33 11.22
C GLU A 15 7.59 5.23 11.54
N SER A 16 6.32 5.53 11.28
CA SER A 16 5.26 4.57 11.58
C SER A 16 4.35 4.24 10.41
N LEU A 17 3.65 3.12 10.56
CA LEU A 17 2.71 2.61 9.58
C LEU A 17 1.39 2.34 10.29
N ARG A 18 0.29 2.85 9.73
CA ARG A 18 -1.02 2.61 10.33
C ARG A 18 -1.85 1.81 9.34
N VAL A 19 -2.32 0.65 9.78
CA VAL A 19 -3.10 -0.22 8.92
C VAL A 19 -4.50 -0.47 9.48
N ARG A 20 -5.50 -0.27 8.63
CA ARG A 20 -6.89 -0.51 9.01
C ARG A 20 -7.45 -1.52 8.01
N GLY A 21 -8.15 -2.54 8.52
CA GLY A 21 -8.70 -3.54 7.63
C GLY A 21 -9.87 -4.29 8.21
N GLU A 22 -10.39 -5.24 7.44
CA GLU A 22 -11.53 -6.06 7.86
C GLU A 22 -11.10 -7.50 7.98
N VAL A 23 -11.32 -8.08 9.16
CA VAL A 23 -10.96 -9.47 9.41
C VAL A 23 -12.06 -10.39 8.89
N ALA A 24 -11.67 -11.41 8.14
CA ALA A 24 -12.62 -12.37 7.58
C ALA A 24 -13.60 -12.88 8.62
N PRO A 25 -14.88 -13.01 8.25
CA PRO A 25 -15.92 -13.49 9.16
C PRO A 25 -15.65 -14.90 9.69
N ASP A 26 -15.08 -15.76 8.85
CA ASP A 26 -14.77 -17.12 9.23
C ASP A 26 -13.26 -17.31 9.34
N ALA A 27 -12.59 -16.30 9.89
CA ALA A 27 -11.14 -16.36 10.03
C ALA A 27 -10.70 -16.88 11.39
N LYS A 28 -9.80 -17.86 11.37
CA LYS A 28 -9.26 -18.42 12.58
C LYS A 28 -8.16 -17.49 13.07
N SER A 29 -7.69 -16.63 12.18
CA SER A 29 -6.62 -15.68 12.50
C SER A 29 -6.29 -14.81 11.29
N PHE A 30 -5.50 -13.77 11.53
CA PHE A 30 -5.08 -12.91 10.42
C PHE A 30 -3.62 -12.51 10.64
N VAL A 31 -2.97 -12.09 9.57
CA VAL A 31 -1.56 -11.74 9.64
C VAL A 31 -1.17 -10.45 8.96
N LEU A 32 -0.22 -9.75 9.58
CA LEU A 32 0.35 -8.53 9.03
C LEU A 32 1.84 -8.73 9.21
N ASN A 33 2.56 -8.83 8.10
CA ASN A 33 4.01 -9.03 8.15
C ASN A 33 4.77 -7.77 7.74
N LEU A 34 5.87 -7.51 8.44
CA LEU A 34 6.73 -6.36 8.17
C LEU A 34 8.17 -6.82 8.20
N GLY A 35 8.97 -6.36 7.25
CA GLY A 35 10.37 -6.76 7.25
C GLY A 35 11.15 -6.29 6.05
N LYS A 36 12.09 -7.13 5.63
CA LYS A 36 12.92 -6.81 4.47
C LYS A 36 12.27 -7.43 3.24
N ASP A 37 11.83 -8.67 3.39
CA ASP A 37 11.16 -9.41 2.32
C ASP A 37 10.36 -10.57 2.92
N SER A 38 9.68 -11.31 2.06
CA SER A 38 8.85 -12.42 2.50
C SER A 38 9.51 -13.47 3.38
N ASN A 39 10.84 -13.58 3.33
CA ASN A 39 11.54 -14.57 4.14
C ASN A 39 12.32 -13.97 5.30
N ASN A 40 12.32 -12.64 5.38
CA ASN A 40 13.03 -11.94 6.44
C ASN A 40 12.08 -10.93 7.05
N LEU A 41 11.41 -11.35 8.12
CA LEU A 41 10.42 -10.52 8.79
C LEU A 41 10.82 -10.03 10.18
N SER A 42 10.74 -8.71 10.36
CA SER A 42 11.05 -8.08 11.64
C SER A 42 9.84 -8.33 12.54
N LEU A 43 8.65 -8.34 11.93
CA LEU A 43 7.44 -8.57 12.71
C LEU A 43 6.34 -9.31 11.97
N HIS A 44 6.02 -10.50 12.46
CA HIS A 44 4.94 -11.32 11.95
C HIS A 44 3.91 -11.10 13.06
N PHE A 45 2.93 -10.25 12.79
CA PHE A 45 1.87 -9.91 13.75
C PHE A 45 0.70 -10.83 13.43
N ASN A 46 0.44 -11.77 14.33
CA ASN A 46 -0.58 -12.79 14.09
C ASN A 46 -1.66 -12.99 15.16
N PRO A 47 -2.71 -12.15 15.15
CA PRO A 47 -3.77 -12.32 16.15
C PRO A 47 -4.50 -13.62 15.79
N ARG A 48 -4.59 -14.54 16.76
CA ARG A 48 -5.25 -15.82 16.54
C ARG A 48 -6.55 -15.92 17.31
N PHE A 49 -7.66 -16.11 16.60
CA PHE A 49 -8.95 -16.25 17.27
C PHE A 49 -9.05 -17.69 17.75
N ASN A 50 -8.66 -18.61 16.86
CA ASN A 50 -8.66 -20.04 17.16
C ASN A 50 -7.76 -20.74 16.15
N ALA A 51 -6.48 -20.85 16.48
CA ALA A 51 -5.51 -21.50 15.61
C ALA A 51 -4.25 -21.90 16.35
N HIS A 52 -3.73 -23.09 16.02
CA HIS A 52 -2.51 -23.60 16.62
C HIS A 52 -2.56 -23.71 18.14
N GLY A 53 -3.76 -23.97 18.67
CA GLY A 53 -3.89 -24.09 20.11
C GLY A 53 -4.16 -22.77 20.81
N ASP A 54 -4.01 -21.67 20.09
CA ASP A 54 -4.26 -20.34 20.65
C ASP A 54 -5.71 -19.91 20.50
N ALA A 55 -6.27 -19.39 21.59
CA ALA A 55 -7.65 -18.91 21.57
C ALA A 55 -7.59 -17.44 21.98
N ASN A 56 -7.91 -16.57 21.03
CA ASN A 56 -7.88 -15.12 21.27
C ASN A 56 -6.56 -14.66 21.85
N THR A 57 -5.47 -14.92 21.13
CA THR A 57 -4.17 -14.46 21.59
C THR A 57 -3.33 -13.89 20.45
N ILE A 58 -2.70 -12.77 20.74
CA ILE A 58 -1.85 -12.10 19.77
C ILE A 58 -0.49 -12.78 19.84
N VAL A 59 -0.05 -13.33 18.72
CA VAL A 59 1.26 -13.98 18.64
C VAL A 59 2.13 -13.18 17.69
N SER A 60 3.33 -12.82 18.14
CA SER A 60 4.26 -12.07 17.31
C SER A 60 5.56 -12.87 17.19
N ASN A 61 6.24 -12.74 16.07
CA ASN A 61 7.50 -13.45 15.87
C ASN A 61 8.28 -12.81 14.75
N SER A 62 9.53 -13.23 14.64
CA SER A 62 10.43 -12.74 13.61
C SER A 62 10.66 -13.94 12.69
N LYS A 63 11.24 -13.68 11.53
CA LYS A 63 11.54 -14.74 10.57
C LYS A 63 12.86 -14.35 9.94
N ASP A 64 13.87 -15.19 10.13
CA ASP A 64 15.21 -14.93 9.61
C ASP A 64 15.62 -16.00 8.63
N GLY A 65 15.83 -15.60 7.38
CA GLY A 65 16.21 -16.57 6.35
C GLY A 65 15.16 -17.66 6.23
N GLY A 66 13.92 -17.32 6.56
CA GLY A 66 12.84 -18.28 6.48
C GLY A 66 12.62 -19.08 7.75
N ALA A 67 13.43 -18.84 8.77
CA ALA A 67 13.30 -19.56 10.04
C ALA A 67 12.59 -18.74 11.11
N TRP A 68 11.51 -19.28 11.63
CA TRP A 68 10.74 -18.60 12.68
C TRP A 68 11.58 -18.42 13.95
N GLY A 69 11.46 -17.25 14.56
CA GLY A 69 12.19 -16.98 15.78
C GLY A 69 11.41 -17.45 16.99
N THR A 70 11.65 -16.85 18.15
CA THR A 70 10.93 -17.23 19.36
C THR A 70 9.69 -16.35 19.47
N GLU A 71 8.53 -16.99 19.62
CA GLU A 71 7.27 -16.26 19.71
C GLU A 71 7.07 -15.45 20.98
N GLN A 72 6.26 -14.40 20.86
CA GLN A 72 5.91 -13.53 21.97
C GLN A 72 4.39 -13.44 21.96
N ARG A 73 3.78 -13.51 23.14
CA ARG A 73 2.32 -13.45 23.24
C ARG A 73 1.88 -12.33 24.18
N GLU A 74 0.75 -11.69 23.88
CA GLU A 74 0.26 -10.60 24.72
C GLU A 74 -0.88 -11.04 25.63
N ALA A 75 -1.21 -10.18 26.60
CA ALA A 75 -2.26 -10.48 27.57
C ALA A 75 -3.63 -9.90 27.24
N VAL A 76 -3.77 -9.24 26.09
CA VAL A 76 -5.05 -8.67 25.68
C VAL A 76 -5.33 -9.07 24.23
N PHE A 77 -6.59 -8.96 23.82
CA PHE A 77 -6.96 -9.33 22.45
C PHE A 77 -8.12 -8.45 21.98
N PRO A 78 -7.82 -7.19 21.61
CA PRO A 78 -8.85 -6.24 21.16
C PRO A 78 -9.25 -6.40 19.70
N PHE A 79 -9.60 -7.63 19.33
CA PHE A 79 -10.02 -7.92 17.96
C PHE A 79 -11.27 -8.80 17.97
N GLN A 80 -12.17 -8.56 17.03
CA GLN A 80 -13.39 -9.33 16.93
C GLN A 80 -13.61 -9.82 15.51
N PRO A 81 -13.82 -11.13 15.34
CA PRO A 81 -14.04 -11.75 14.02
C PRO A 81 -15.01 -10.94 13.16
N GLY A 82 -14.82 -11.02 11.84
CA GLY A 82 -15.68 -10.31 10.93
C GLY A 82 -15.89 -8.85 11.31
N SER A 83 -14.79 -8.16 11.63
CA SER A 83 -14.86 -6.75 12.00
C SER A 83 -13.60 -6.02 11.57
N VAL A 84 -13.61 -4.70 11.72
CA VAL A 84 -12.47 -3.87 11.33
C VAL A 84 -11.39 -3.87 12.40
N ALA A 85 -10.14 -3.88 11.97
CA ALA A 85 -9.01 -3.86 12.88
C ALA A 85 -8.00 -2.81 12.45
N GLU A 86 -7.57 -1.98 13.40
CA GLU A 86 -6.59 -0.93 13.10
C GLU A 86 -5.39 -1.03 14.04
N VAL A 87 -4.21 -1.16 13.46
CA VAL A 87 -3.00 -1.25 14.24
C VAL A 87 -1.96 -0.28 13.68
N SER A 88 -1.12 0.24 14.57
CA SER A 88 -0.07 1.15 14.18
C SER A 88 1.22 0.52 14.62
N ILE A 89 2.23 0.56 13.76
CA ILE A 89 3.51 -0.03 14.08
C ILE A 89 4.62 0.96 13.82
N THR A 90 5.41 1.21 14.86
CA THR A 90 6.53 2.13 14.74
C THR A 90 7.82 1.35 14.70
N PHE A 91 8.66 1.66 13.73
CA PHE A 91 9.93 1.00 13.58
C PHE A 91 11.01 1.84 14.25
N ASP A 92 11.89 1.17 14.99
CA ASP A 92 12.99 1.84 15.66
C ASP A 92 14.16 0.86 15.60
N GLN A 93 15.36 1.33 15.90
CA GLN A 93 16.52 0.45 15.81
C GLN A 93 16.54 -0.70 16.81
N ALA A 94 16.13 -0.44 18.04
CA ALA A 94 16.14 -1.49 19.07
C ALA A 94 14.85 -2.30 19.09
N ASN A 95 13.72 -1.62 18.93
CA ASN A 95 12.43 -2.30 18.97
C ASN A 95 11.36 -1.68 18.07
N LEU A 96 10.40 -2.51 17.69
CA LEU A 96 9.26 -2.06 16.91
C LEU A 96 8.18 -1.89 17.97
N THR A 97 7.39 -0.83 17.85
CA THR A 97 6.32 -0.58 18.81
C THR A 97 4.96 -0.78 18.13
N VAL A 98 4.13 -1.64 18.71
CA VAL A 98 2.81 -1.92 18.16
C VAL A 98 1.73 -1.33 19.06
N LYS A 99 0.83 -0.54 18.47
CA LYS A 99 -0.25 0.06 19.22
C LYS A 99 -1.55 -0.57 18.74
N LEU A 100 -2.32 -1.14 19.67
CA LEU A 100 -3.57 -1.82 19.35
C LEU A 100 -4.81 -0.94 19.47
N PRO A 101 -5.95 -1.41 18.89
CA PRO A 101 -7.24 -0.71 18.90
C PRO A 101 -7.73 -0.26 20.28
N ASP A 102 -7.35 -0.98 21.33
CA ASP A 102 -7.78 -0.64 22.68
C ASP A 102 -6.84 0.32 23.39
N GLY A 103 -5.83 0.82 22.67
CA GLY A 103 -4.87 1.74 23.25
C GLY A 103 -3.66 1.05 23.84
N TYR A 104 -3.71 -0.27 23.91
CA TYR A 104 -2.61 -1.05 24.45
C TYR A 104 -1.42 -1.01 23.49
N GLU A 105 -0.22 -0.96 24.05
CA GLU A 105 1.00 -0.93 23.23
C GLU A 105 2.00 -1.95 23.74
N PHE A 106 2.76 -2.54 22.82
CA PHE A 106 3.81 -3.46 23.24
C PHE A 106 4.98 -3.31 22.30
N LYS A 107 6.12 -3.86 22.69
CA LYS A 107 7.31 -3.77 21.86
C LYS A 107 7.81 -5.15 21.46
N PHE A 108 8.47 -5.19 20.31
CA PHE A 108 9.03 -6.43 19.81
C PHE A 108 10.44 -6.07 19.31
N PRO A 109 11.45 -6.80 19.78
CA PRO A 109 12.84 -6.55 19.40
C PRO A 109 13.13 -6.65 17.91
N ASN A 110 14.00 -5.75 17.44
CA ASN A 110 14.41 -5.73 16.05
C ASN A 110 15.56 -6.72 15.92
N ARG A 111 15.21 -7.99 16.03
CA ARG A 111 16.14 -9.11 15.96
C ARG A 111 16.99 -9.18 14.70
N LEU A 112 16.42 -8.79 13.55
CA LEU A 112 17.16 -8.82 12.30
C LEU A 112 18.13 -7.65 12.14
N ASN A 113 18.09 -6.71 13.09
CA ASN A 113 18.96 -5.55 13.03
C ASN A 113 18.80 -4.81 11.69
N LEU A 114 17.56 -4.68 11.25
CA LEU A 114 17.26 -3.99 10.00
C LEU A 114 17.40 -2.49 10.20
N GLU A 115 17.81 -1.80 9.15
CA GLU A 115 17.99 -0.34 9.21
C GLU A 115 16.71 0.34 8.72
N ALA A 116 15.84 -0.45 8.11
CA ALA A 116 14.58 0.06 7.60
C ALA A 116 13.65 -1.09 7.23
N ILE A 117 12.36 -0.79 7.15
CA ILE A 117 11.38 -1.79 6.78
C ILE A 117 10.97 -1.46 5.34
N ASN A 118 11.15 -2.43 4.45
CA ASN A 118 10.81 -2.23 3.04
C ASN A 118 9.69 -3.13 2.55
N TYR A 119 9.24 -4.04 3.41
CA TYR A 119 8.21 -4.99 3.02
C TYR A 119 7.07 -5.12 4.03
N MET A 120 5.85 -5.14 3.52
CA MET A 120 4.66 -5.31 4.34
C MET A 120 3.70 -6.19 3.54
N ALA A 121 3.02 -7.10 4.23
CA ALA A 121 2.07 -7.98 3.56
C ALA A 121 1.01 -8.48 4.53
N ALA A 122 -0.23 -8.52 4.06
CA ALA A 122 -1.34 -9.01 4.87
C ALA A 122 -1.72 -10.36 4.28
N ASP A 123 -2.31 -11.25 5.07
CA ASP A 123 -2.69 -12.55 4.54
C ASP A 123 -4.12 -12.56 4.00
N GLY A 124 -4.63 -13.75 3.70
CA GLY A 124 -5.98 -13.88 3.16
C GLY A 124 -7.13 -13.68 4.13
N ASP A 125 -6.81 -13.44 5.41
CA ASP A 125 -7.85 -13.23 6.42
C ASP A 125 -7.94 -11.78 6.86
N PHE A 126 -7.08 -10.94 6.29
CA PHE A 126 -7.08 -9.53 6.63
C PHE A 126 -7.18 -8.69 5.37
N LYS A 127 -8.36 -8.11 5.16
CA LYS A 127 -8.61 -7.27 3.98
C LYS A 127 -8.35 -5.81 4.31
N ILE A 128 -7.21 -5.30 3.85
CA ILE A 128 -6.82 -3.93 4.10
C ILE A 128 -7.77 -2.90 3.50
N LYS A 129 -8.11 -1.89 4.29
CA LYS A 129 -8.98 -0.80 3.85
C LYS A 129 -8.12 0.44 3.63
N SER A 130 -7.03 0.54 4.38
CA SER A 130 -6.13 1.68 4.25
C SER A 130 -4.80 1.44 4.94
N VAL A 131 -3.77 2.04 4.36
CA VAL A 131 -2.43 1.96 4.92
C VAL A 131 -1.88 3.37 4.85
N ALA A 132 -1.39 3.89 5.97
CA ALA A 132 -0.85 5.25 5.99
C ALA A 132 0.52 5.31 6.66
N PHE A 133 1.35 6.21 6.17
CA PHE A 133 2.71 6.40 6.69
C PHE A 133 2.77 7.82 7.23
N ASP A 134 3.35 8.02 8.41
CA ASP A 134 3.43 9.36 8.96
C ASP A 134 4.75 10.01 8.57
N ALA B 1 9.09 3.06 -10.43
CA ALA B 1 10.54 3.38 -10.34
C ALA B 1 11.08 3.04 -8.95
N SER B 2 11.40 4.07 -8.16
CA SER B 2 11.95 3.86 -6.82
C SER B 2 10.93 4.17 -5.73
N GLY B 3 9.69 4.44 -6.13
CA GLY B 3 8.66 4.74 -5.16
C GLY B 3 8.06 3.45 -4.62
N LEU B 4 6.97 3.59 -3.87
CA LEU B 4 6.30 2.45 -3.30
C LEU B 4 5.68 1.56 -4.38
N VAL B 5 5.71 0.25 -4.16
CA VAL B 5 5.12 -0.68 -5.09
C VAL B 5 4.14 -1.56 -4.34
N ALA B 6 2.92 -1.70 -4.85
CA ALA B 6 1.92 -2.53 -4.18
C ALA B 6 1.42 -3.58 -5.15
N SER B 7 1.14 -4.77 -4.63
CA SER B 7 0.65 -5.89 -5.42
C SER B 7 -0.54 -6.54 -4.70
N ASN B 8 -1.29 -7.36 -5.44
CA ASN B 8 -2.47 -8.03 -4.89
C ASN B 8 -3.47 -7.01 -4.34
N LEU B 9 -3.57 -5.86 -5.00
CA LEU B 9 -4.51 -4.81 -4.56
C LEU B 9 -5.96 -5.26 -4.66
N ASN B 10 -6.26 -6.05 -5.68
CA ASN B 10 -7.60 -6.57 -5.91
C ASN B 10 -8.66 -5.48 -5.99
N LEU B 11 -8.34 -4.38 -6.68
CA LEU B 11 -9.30 -3.28 -6.83
C LEU B 11 -10.35 -3.75 -7.84
N LYS B 12 -11.59 -3.84 -7.38
CA LYS B 12 -12.69 -4.30 -8.22
C LYS B 12 -13.45 -3.16 -8.87
N PRO B 13 -14.23 -3.46 -9.91
CA PRO B 13 -15.01 -2.42 -10.60
C PRO B 13 -15.89 -1.65 -9.62
N GLY B 14 -15.86 -0.33 -9.72
CA GLY B 14 -16.68 0.49 -8.85
C GLY B 14 -16.04 0.86 -7.51
N GLU B 15 -14.95 0.18 -7.18
CA GLU B 15 -14.24 0.44 -5.92
C GLU B 15 -13.28 1.60 -6.12
N SER B 16 -13.22 2.51 -5.15
CA SER B 16 -12.34 3.67 -5.26
C SER B 16 -11.00 3.50 -4.56
N LEU B 17 -9.92 3.84 -5.26
CA LEU B 17 -8.57 3.76 -4.71
C LEU B 17 -8.09 5.20 -4.50
N ARG B 18 -7.85 5.58 -3.26
CA ARG B 18 -7.37 6.93 -2.96
C ARG B 18 -5.89 6.89 -2.63
N VAL B 19 -5.10 7.60 -3.41
CA VAL B 19 -3.65 7.64 -3.20
C VAL B 19 -3.20 9.05 -2.90
N ARG B 20 -2.59 9.23 -1.73
CA ARG B 20 -2.09 10.53 -1.32
C ARG B 20 -0.57 10.44 -1.25
N GLY B 21 0.12 11.40 -1.85
CA GLY B 21 1.56 11.36 -1.83
C GLY B 21 2.21 12.71 -1.91
N GLU B 22 3.50 12.74 -1.57
CA GLU B 22 4.28 13.98 -1.61
C GLU B 22 5.01 14.10 -2.94
N VAL B 23 4.75 15.19 -3.66
CA VAL B 23 5.44 15.41 -4.93
C VAL B 23 6.77 16.04 -4.58
N ALA B 24 7.86 15.39 -4.99
CA ALA B 24 9.20 15.87 -4.70
C ALA B 24 9.35 17.37 -5.00
N PRO B 25 10.06 18.10 -4.13
CA PRO B 25 10.24 19.54 -4.35
C PRO B 25 10.97 19.88 -5.65
N ASP B 26 11.84 18.97 -6.10
CA ASP B 26 12.61 19.20 -7.33
C ASP B 26 12.06 18.44 -8.55
N ALA B 27 10.86 17.90 -8.41
CA ALA B 27 10.25 17.13 -9.49
C ALA B 27 9.94 17.92 -10.77
N LYS B 28 10.27 17.32 -11.91
CA LYS B 28 9.97 17.93 -13.20
C LYS B 28 8.69 17.22 -13.69
N SER B 29 8.34 16.16 -12.97
CA SER B 29 7.15 15.36 -13.26
C SER B 29 7.10 14.22 -12.24
N PHE B 30 6.01 13.46 -12.23
CA PHE B 30 5.93 12.32 -11.35
C PHE B 30 5.02 11.28 -11.99
N VAL B 31 5.11 10.04 -11.52
CA VAL B 31 4.33 8.97 -12.10
C VAL B 31 3.65 8.08 -11.08
N LEU B 32 2.44 7.66 -11.42
CA LEU B 32 1.68 6.73 -10.60
C LEU B 32 1.15 5.73 -11.61
N ASN B 33 1.62 4.49 -11.53
CA ASN B 33 1.18 3.44 -12.45
C ASN B 33 0.20 2.48 -11.78
N LEU B 34 -0.80 2.06 -12.53
CA LEU B 34 -1.82 1.13 -12.04
C LEU B 34 -2.11 0.12 -13.14
N GLY B 35 -2.25 -1.15 -12.76
CA GLY B 35 -2.54 -2.18 -13.75
C GLY B 35 -2.38 -3.59 -13.22
N LYS B 36 -1.81 -4.46 -14.03
CA LYS B 36 -1.57 -5.86 -13.67
C LYS B 36 -0.12 -6.04 -13.22
N ASP B 37 0.81 -5.49 -14.00
CA ASP B 37 2.23 -5.56 -13.69
C ASP B 37 2.96 -4.47 -14.45
N SER B 38 4.28 -4.42 -14.32
CA SER B 38 5.07 -3.37 -14.99
C SER B 38 4.93 -3.31 -16.50
N ASN B 39 4.49 -4.39 -17.14
CA ASN B 39 4.32 -4.41 -18.59
C ASN B 39 2.87 -4.27 -19.02
N ASN B 40 1.97 -4.23 -18.05
CA ASN B 40 0.54 -4.11 -18.35
C ASN B 40 -0.10 -3.08 -17.42
N LEU B 41 -0.14 -1.85 -17.91
CA LEU B 41 -0.69 -0.74 -17.15
C LEU B 41 -2.00 -0.20 -17.69
N SER B 42 -3.03 -0.23 -16.85
CA SER B 42 -4.34 0.30 -17.21
C SER B 42 -4.21 1.82 -17.20
N LEU B 43 -3.33 2.32 -16.34
CA LEU B 43 -3.12 3.75 -16.22
C LEU B 43 -1.71 4.14 -15.81
N HIS B 44 -1.07 4.92 -16.68
CA HIS B 44 0.26 5.47 -16.43
C HIS B 44 -0.10 6.93 -16.27
N PHE B 45 -0.29 7.38 -15.03
CA PHE B 45 -0.67 8.76 -14.73
C PHE B 45 0.62 9.55 -14.58
N ASN B 46 0.85 10.47 -15.51
CA ASN B 46 2.11 11.22 -15.54
C ASN B 46 2.03 12.76 -15.61
N PRO B 47 1.80 13.42 -14.46
CA PRO B 47 1.74 14.88 -14.50
C PRO B 47 3.15 15.42 -14.79
N ARG B 48 3.26 16.29 -15.80
CA ARG B 48 4.55 16.85 -16.18
C ARG B 48 4.60 18.35 -15.93
N PHE B 49 5.53 18.79 -15.08
CA PHE B 49 5.69 20.21 -14.81
C PHE B 49 6.51 20.79 -15.96
N ASN B 50 7.65 20.16 -16.23
CA ASN B 50 8.53 20.55 -17.32
C ASN B 50 9.35 19.33 -17.69
N ALA B 51 8.78 18.47 -18.51
CA ALA B 51 9.46 17.25 -18.92
C ALA B 51 9.01 16.76 -20.29
N HIS B 52 9.91 16.09 -20.98
CA HIS B 52 9.65 15.52 -22.30
C HIS B 52 9.06 16.53 -23.28
N GLY B 53 9.39 17.79 -23.09
CA GLY B 53 8.91 18.82 -23.99
C GLY B 53 7.55 19.42 -23.66
N ASP B 54 6.94 18.96 -22.56
CA ASP B 54 5.64 19.47 -22.14
C ASP B 54 5.75 20.32 -20.89
N ALA B 55 4.79 21.22 -20.70
CA ALA B 55 4.79 22.09 -19.53
C ALA B 55 3.44 22.02 -18.82
N ASN B 56 3.48 21.80 -17.51
CA ASN B 56 2.28 21.73 -16.68
C ASN B 56 1.13 21.04 -17.39
N THR B 57 1.37 19.80 -17.81
CA THR B 57 0.37 19.02 -18.52
C THR B 57 0.26 17.61 -17.95
N ILE B 58 -0.96 17.16 -17.71
CA ILE B 58 -1.18 15.81 -17.22
C ILE B 58 -1.23 14.89 -18.45
N VAL B 59 -0.35 13.89 -18.48
CA VAL B 59 -0.31 12.94 -19.58
C VAL B 59 -0.64 11.56 -19.03
N SER B 60 -1.60 10.88 -19.66
CA SER B 60 -1.97 9.54 -19.22
C SER B 60 -1.81 8.61 -20.41
N ASN B 61 -1.44 7.36 -20.13
CA ASN B 61 -1.33 6.37 -21.20
C ASN B 61 -1.55 4.98 -20.63
N SER B 62 -1.57 4.00 -21.52
CA SER B 62 -1.75 2.61 -21.12
C SER B 62 -0.57 1.85 -21.70
N LYS B 63 -0.33 0.67 -21.16
CA LYS B 63 0.77 -0.18 -21.64
C LYS B 63 0.19 -1.60 -21.64
N ASP B 64 0.13 -2.22 -22.80
CA ASP B 64 -0.42 -3.57 -22.91
C ASP B 64 0.61 -4.51 -23.55
N GLY B 65 0.96 -5.58 -22.86
CA GLY B 65 1.94 -6.50 -23.41
C GLY B 65 3.23 -5.77 -23.71
N GLY B 66 3.50 -4.72 -22.95
CA GLY B 66 4.70 -3.94 -23.13
C GLY B 66 4.57 -2.73 -24.04
N ALA B 67 3.55 -2.73 -24.90
CA ALA B 67 3.36 -1.64 -25.85
C ALA B 67 2.61 -0.41 -25.32
N TRP B 68 3.20 0.77 -25.52
CA TRP B 68 2.56 2.01 -25.07
C TRP B 68 1.44 2.37 -26.04
N GLY B 69 0.33 2.87 -25.51
CA GLY B 69 -0.80 3.26 -26.33
C GLY B 69 -0.74 4.74 -26.69
N THR B 70 -1.90 5.32 -26.99
CA THR B 70 -1.98 6.73 -27.36
C THR B 70 -2.15 7.57 -26.11
N GLU B 71 -1.27 8.55 -25.93
CA GLU B 71 -1.34 9.41 -24.75
C GLU B 71 -2.57 10.31 -24.78
N GLN B 72 -3.06 10.63 -23.60
CA GLN B 72 -4.21 11.52 -23.43
C GLN B 72 -3.75 12.65 -22.52
N ARG B 73 -4.04 13.89 -22.91
CA ARG B 73 -3.64 15.05 -22.12
C ARG B 73 -4.86 15.78 -21.58
N GLU B 74 -4.79 16.23 -20.33
CA GLU B 74 -5.91 16.93 -19.70
C GLU B 74 -5.85 18.43 -19.91
N ALA B 75 -6.98 19.10 -19.68
CA ALA B 75 -7.09 20.55 -19.88
C ALA B 75 -6.85 21.36 -18.61
N VAL B 76 -6.55 20.67 -17.51
CA VAL B 76 -6.30 21.32 -16.23
C VAL B 76 -5.06 20.73 -15.57
N PHE B 77 -4.47 21.47 -14.63
CA PHE B 77 -3.27 21.00 -13.96
C PHE B 77 -3.21 21.42 -12.50
N PRO B 78 -3.97 20.74 -11.63
CA PRO B 78 -4.00 21.06 -10.20
C PRO B 78 -2.88 20.39 -9.41
N PHE B 79 -1.64 20.55 -9.85
CA PHE B 79 -0.47 20.00 -9.19
C PHE B 79 0.68 21.00 -9.15
N GLN B 80 1.62 20.76 -8.23
CA GLN B 80 2.80 21.61 -8.10
C GLN B 80 3.87 20.84 -7.35
N PRO B 81 5.15 21.07 -7.67
CA PRO B 81 6.24 20.36 -6.99
C PRO B 81 6.24 20.71 -5.50
N GLY B 82 6.79 19.81 -4.70
CA GLY B 82 6.87 20.03 -3.26
C GLY B 82 5.56 20.26 -2.54
N SER B 83 4.55 19.45 -2.83
CA SER B 83 3.26 19.58 -2.18
C SER B 83 2.58 18.22 -2.14
N VAL B 84 1.62 18.07 -1.23
CA VAL B 84 0.90 16.81 -1.12
C VAL B 84 -0.26 16.83 -2.11
N ALA B 85 -0.48 15.70 -2.76
CA ALA B 85 -1.55 15.59 -3.74
C ALA B 85 -2.25 14.25 -3.61
N GLU B 86 -3.58 14.27 -3.63
CA GLU B 86 -4.37 13.06 -3.53
C GLU B 86 -5.21 12.87 -4.80
N VAL B 87 -5.15 11.66 -5.35
CA VAL B 87 -5.92 11.34 -6.55
C VAL B 87 -6.74 10.09 -6.23
N SER B 88 -7.90 9.99 -6.85
CA SER B 88 -8.79 8.83 -6.65
C SER B 88 -8.99 8.18 -8.01
N ILE B 89 -8.98 6.86 -8.04
CA ILE B 89 -9.18 6.14 -9.29
C ILE B 89 -10.23 5.07 -9.12
N THR B 90 -11.16 5.01 -10.05
CA THR B 90 -12.21 4.01 -10.03
C THR B 90 -12.34 3.55 -11.46
N PHE B 91 -12.98 2.41 -11.69
CA PHE B 91 -13.14 1.94 -13.05
C PHE B 91 -14.31 0.98 -13.22
N ASP B 92 -14.75 0.89 -14.47
CA ASP B 92 -15.79 -0.04 -14.88
C ASP B 92 -15.17 -0.63 -16.15
N GLN B 93 -15.91 -1.49 -16.83
CA GLN B 93 -15.37 -2.13 -18.02
C GLN B 93 -14.96 -1.16 -19.14
N ALA B 94 -15.66 -0.03 -19.24
CA ALA B 94 -15.38 0.94 -20.29
C ALA B 94 -14.31 1.97 -20.01
N ASN B 95 -14.35 2.61 -18.84
CA ASN B 95 -13.37 3.64 -18.53
C ASN B 95 -12.91 3.66 -17.08
N LEU B 96 -11.77 4.31 -16.87
CA LEU B 96 -11.23 4.53 -15.54
C LEU B 96 -11.61 5.98 -15.31
N THR B 97 -11.99 6.32 -14.08
CA THR B 97 -12.32 7.70 -13.78
C THR B 97 -11.28 8.16 -12.79
N VAL B 98 -10.60 9.25 -13.12
CA VAL B 98 -9.55 9.79 -12.26
C VAL B 98 -9.97 11.14 -11.69
N LYS B 99 -10.04 11.24 -10.36
CA LYS B 99 -10.42 12.48 -9.72
C LYS B 99 -9.16 13.10 -9.12
N LEU B 100 -8.95 14.38 -9.42
CA LEU B 100 -7.78 15.13 -9.00
C LEU B 100 -7.92 15.84 -7.65
N PRO B 101 -6.81 16.38 -7.13
CA PRO B 101 -6.77 17.09 -5.84
C PRO B 101 -7.85 18.14 -5.60
N ASP B 102 -8.27 18.82 -6.65
CA ASP B 102 -9.27 19.87 -6.55
C ASP B 102 -10.72 19.46 -6.84
N GLY B 103 -10.94 18.17 -7.13
CA GLY B 103 -12.29 17.73 -7.40
C GLY B 103 -12.62 17.54 -8.86
N TYR B 104 -11.69 17.91 -9.74
CA TYR B 104 -11.89 17.75 -11.17
C TYR B 104 -11.68 16.27 -11.49
N GLU B 105 -12.50 15.71 -12.39
CA GLU B 105 -12.33 14.30 -12.74
C GLU B 105 -12.48 14.08 -14.25
N PHE B 106 -11.70 13.16 -14.78
CA PHE B 106 -11.77 12.83 -16.20
C PHE B 106 -11.78 11.32 -16.39
N LYS B 107 -12.16 10.88 -17.58
CA LYS B 107 -12.18 9.45 -17.87
C LYS B 107 -11.10 9.09 -18.87
N PHE B 108 -10.54 7.90 -18.69
CA PHE B 108 -9.51 7.36 -19.56
C PHE B 108 -10.02 5.99 -19.95
N PRO B 109 -10.07 5.67 -21.25
CA PRO B 109 -10.56 4.36 -21.69
C PRO B 109 -9.87 3.19 -21.00
N ASN B 110 -10.65 2.19 -20.61
CA ASN B 110 -10.13 0.98 -19.97
C ASN B 110 -9.70 0.06 -21.12
N ARG B 111 -8.50 0.31 -21.63
CA ARG B 111 -7.96 -0.44 -22.76
C ARG B 111 -7.51 -1.87 -22.49
N LEU B 112 -7.23 -2.21 -21.23
CA LEU B 112 -6.79 -3.56 -20.90
C LEU B 112 -7.93 -4.45 -20.41
N ASN B 113 -9.03 -3.82 -20.02
CA ASN B 113 -10.20 -4.55 -19.52
C ASN B 113 -9.85 -5.63 -18.50
N LEU B 114 -9.05 -5.28 -17.50
CA LEU B 114 -8.65 -6.23 -16.46
C LEU B 114 -9.80 -6.53 -15.51
N GLU B 115 -9.87 -7.76 -15.01
CA GLU B 115 -10.94 -8.14 -14.08
C GLU B 115 -10.85 -7.30 -12.81
N ALA B 116 -9.61 -6.95 -12.45
CA ALA B 116 -9.35 -6.14 -11.27
C ALA B 116 -7.97 -5.54 -11.44
N ILE B 117 -7.71 -4.43 -10.77
CA ILE B 117 -6.40 -3.81 -10.83
C ILE B 117 -5.66 -4.29 -9.59
N ASN B 118 -4.55 -4.98 -9.80
CA ASN B 118 -3.79 -5.55 -8.71
C ASN B 118 -2.43 -4.95 -8.43
N TYR B 119 -1.95 -4.10 -9.32
CA TYR B 119 -0.62 -3.52 -9.18
C TYR B 119 -0.58 -1.99 -9.21
N MET B 120 0.27 -1.43 -8.37
CA MET B 120 0.46 0.02 -8.30
C MET B 120 1.92 0.31 -8.02
N ALA B 121 2.44 1.36 -8.65
CA ALA B 121 3.83 1.73 -8.43
C ALA B 121 4.02 3.22 -8.69
N ALA B 122 4.67 3.89 -7.75
CA ALA B 122 4.95 5.32 -7.87
C ALA B 122 6.44 5.47 -8.20
N ASP B 123 6.81 6.54 -8.89
CA ASP B 123 8.23 6.73 -9.21
C ASP B 123 8.93 7.53 -8.12
N GLY B 124 10.20 7.87 -8.34
CA GLY B 124 10.96 8.60 -7.34
C GLY B 124 10.53 10.02 -7.01
N ASP B 125 9.55 10.55 -7.74
CA ASP B 125 9.08 11.91 -7.51
C ASP B 125 7.73 11.99 -6.79
N PHE B 126 7.15 10.84 -6.48
CA PHE B 126 5.87 10.78 -5.80
C PHE B 126 6.01 9.84 -4.61
N LYS B 127 6.14 10.42 -3.42
CA LYS B 127 6.30 9.65 -2.19
C LYS B 127 4.92 9.39 -1.58
N ILE B 128 4.43 8.17 -1.76
CA ILE B 128 3.12 7.81 -1.24
C ILE B 128 3.05 7.85 0.28
N LYS B 129 2.05 8.57 0.78
CA LYS B 129 1.86 8.70 2.22
C LYS B 129 0.67 7.89 2.69
N SER B 130 -0.24 7.58 1.77
CA SER B 130 -1.43 6.83 2.12
C SER B 130 -2.14 6.21 0.92
N VAL B 131 -2.72 5.04 1.14
CA VAL B 131 -3.49 4.33 0.12
C VAL B 131 -4.76 3.86 0.82
N ALA B 132 -5.91 4.19 0.25
CA ALA B 132 -7.18 3.80 0.86
C ALA B 132 -8.13 3.21 -0.17
N PHE B 133 -8.93 2.24 0.28
CA PHE B 133 -9.89 1.57 -0.58
C PHE B 133 -11.30 1.88 -0.09
N ASP B 134 -12.15 2.32 -1.01
CA ASP B 134 -13.53 2.66 -0.73
C ASP B 134 -14.39 2.04 -1.83
C2 BGC C . 3.63 -23.08 17.86
C3 BGC C . 2.85 -22.44 16.72
C4 BGC C . 3.58 -22.62 15.39
C5 BGC C . 3.91 -24.11 15.17
C6 BGC C . 4.70 -24.38 13.91
C1 BGC C . 3.96 -24.54 17.53
O1 BGC C . 4.77 -25.07 18.52
O2 BGC C . 2.86 -23.01 19.06
O3 BGC C . 2.66 -21.07 16.98
O4 BGC C . 2.72 -22.15 14.33
O5 BGC C . 4.68 -24.62 16.28
O6 BGC C . 5.65 -23.35 13.66
C1 GAL C . 3.30 -21.29 13.40
C2 GAL C . 2.27 -21.01 12.29
C3 GAL C . 2.85 -20.00 11.29
C4 GAL C . 3.33 -18.74 12.04
C5 GAL C . 4.29 -19.13 13.17
C6 GAL C . 4.72 -17.94 14.01
O2 GAL C . 1.95 -22.22 11.61
O3 GAL C . 1.86 -19.64 10.36
O4 GAL C . 2.20 -18.06 12.58
O5 GAL C . 3.65 -20.08 14.07
O6 GAL C . 5.69 -18.33 14.97
#